data_2E28
#
_entry.id   2E28
#
_cell.length_a   145.970
_cell.length_b   145.970
_cell.length_c   118.030
_cell.angle_alpha   90.00
_cell.angle_beta   90.00
_cell.angle_gamma   120.00
#
_symmetry.space_group_name_H-M   'P 62 2 2'
#
loop_
_entity.id
_entity.type
_entity.pdbx_description
1 polymer 'Pyruvate kinase'
2 non-polymer 'SULFATE ION'
3 water water
#
_entity_poly.entity_id   1
_entity_poly.type   'polypeptide(L)'
_entity_poly.pdbx_seq_one_letter_code
;MKRKTKIVSTIGPASESVDKLVQLMEAGMNVARLNFSHGDHEEHGRRIANIREAAKRTGRTVAILLDTKGPEIRTHNMEN
GAIELKEGSKLVISMSEVLGTPEKISVTYPSLIDDVSVGAKILLDDGLISLEVNAVDKQAGEIVTTVLNGGVLKNKKGVN
VPGVKVNLPGITEKDRADILFGIRQGIDFIAASFVRRASDVLEIRELLEAHDALHIQIIAKIENEEGVANIDEILEAADG
LMVARGDLGVEIPAEEVPLIQKLLIKKSNMLGKPVITATQMLDSMQRNPRPTRAEASDVANAIFDGTDAVMLSGETAAGQ
YPVEAVKTMHQIALRTEQALEHRDILSQRTKESQTTITDAIGQSVAHTALNLDVAAIVTPTVSGKTPQMVAKYRPKAPII
AVTSNEAVSRRLALVWGVYTKEAPHVNTTDEMLDVAVDAAVRSGLVKHGDLVVITAGVPVGETGSTNLMKVHVISDLLAK
GQGIGRKSAFGKAVVAKTAEEARQKMVDGGILVTVSTDADMMPAIEKAAAIITEEGGLTSHAAVVGLSLGIPVIVGVENA
TTLFKDGQEITVDGGFGAVYRGHASVL
;
_entity_poly.pdbx_strand_id   A
#
# COMPACT_ATOMS: atom_id res chain seq x y z
N MET A 1 -11.46 10.87 -4.40
CA MET A 1 -10.77 9.72 -5.05
C MET A 1 -9.28 9.79 -4.79
N LYS A 2 -8.69 8.73 -4.26
CA LYS A 2 -7.27 8.73 -3.97
C LYS A 2 -6.55 7.52 -4.51
N ARG A 3 -5.31 7.72 -4.92
CA ARG A 3 -4.50 6.64 -5.44
C ARG A 3 -4.32 5.63 -4.33
N LYS A 4 -4.36 4.34 -4.67
CA LYS A 4 -4.22 3.30 -3.68
C LYS A 4 -2.79 2.76 -3.66
N THR A 5 -2.31 2.36 -4.84
CA THR A 5 -0.97 1.82 -4.90
C THR A 5 0.09 2.88 -4.66
N LYS A 6 0.98 2.56 -3.74
CA LYS A 6 2.06 3.44 -3.34
C LYS A 6 3.19 3.49 -4.34
N ILE A 7 3.87 4.62 -4.36
CA ILE A 7 4.98 4.83 -5.27
C ILE A 7 6.32 4.92 -4.54
N VAL A 8 7.25 4.07 -4.95
CA VAL A 8 8.59 4.02 -4.39
C VAL A 8 9.59 4.54 -5.43
N SER A 9 10.41 5.52 -5.05
CA SER A 9 11.38 6.10 -5.96
C SER A 9 12.84 6.02 -5.51
N THR A 10 13.70 5.53 -6.40
CA THR A 10 15.12 5.43 -6.13
C THR A 10 15.73 6.83 -6.18
N ILE A 11 16.41 7.25 -5.12
CA ILE A 11 17.01 8.58 -5.11
C ILE A 11 18.39 8.60 -5.77
N GLY A 12 18.69 9.70 -6.46
CA GLY A 12 19.97 9.83 -7.13
C GLY A 12 20.33 11.24 -7.54
N PRO A 13 21.32 11.39 -8.43
CA PRO A 13 21.76 12.71 -8.90
C PRO A 13 20.61 13.55 -9.45
N ALA A 14 19.70 12.89 -10.15
CA ALA A 14 18.55 13.57 -10.76
C ALA A 14 17.46 13.94 -9.76
N SER A 15 17.51 13.32 -8.58
CA SER A 15 16.48 13.57 -7.56
C SER A 15 17.01 13.77 -6.13
N GLU A 16 18.28 14.12 -5.98
CA GLU A 16 18.81 14.28 -4.63
C GLU A 16 18.65 15.67 -4.00
N SER A 17 18.35 16.69 -4.78
CA SER A 17 18.19 18.03 -4.22
C SER A 17 16.92 18.07 -3.39
N VAL A 18 16.80 19.11 -2.57
CA VAL A 18 15.64 19.27 -1.71
C VAL A 18 14.45 19.72 -2.55
N ASP A 19 14.70 20.63 -3.49
CA ASP A 19 13.65 21.14 -4.37
C ASP A 19 13.14 20.04 -5.29
N LYS A 20 14.04 19.17 -5.73
CA LYS A 20 13.68 18.06 -6.58
C LYS A 20 12.77 17.18 -5.73
N LEU A 21 13.30 16.75 -4.58
CA LEU A 21 12.56 15.90 -3.65
C LEU A 21 11.23 16.52 -3.28
N VAL A 22 11.22 17.84 -3.10
CA VAL A 22 9.98 18.49 -2.76
C VAL A 22 9.01 18.21 -3.89
N GLN A 23 9.54 18.14 -5.11
CA GLN A 23 8.69 17.88 -6.26
C GLN A 23 8.25 16.41 -6.31
N LEU A 24 9.18 15.47 -6.21
CA LEU A 24 8.80 14.08 -6.23
C LEU A 24 7.66 13.85 -5.23
N MET A 25 7.80 14.38 -4.03
CA MET A 25 6.79 14.21 -2.99
C MET A 25 5.42 14.73 -3.37
N GLU A 26 5.38 15.91 -3.99
CA GLU A 26 4.12 16.50 -4.39
C GLU A 26 3.49 15.76 -5.56
N ALA A 27 4.31 15.03 -6.31
CA ALA A 27 3.83 14.23 -7.43
C ALA A 27 3.23 12.91 -6.91
N GLY A 28 3.61 12.55 -5.68
CA GLY A 28 3.07 11.35 -5.07
C GLY A 28 4.04 10.29 -4.57
N MET A 29 5.31 10.64 -4.41
CA MET A 29 6.28 9.66 -3.92
C MET A 29 6.00 9.31 -2.46
N ASN A 30 5.82 8.03 -2.17
CA ASN A 30 5.55 7.62 -0.80
C ASN A 30 6.78 7.09 -0.10
N VAL A 31 7.64 6.41 -0.84
CA VAL A 31 8.85 5.84 -0.27
C VAL A 31 10.07 6.24 -1.08
N ALA A 32 11.14 6.60 -0.38
CA ALA A 32 12.39 6.98 -1.04
C ALA A 32 13.36 5.81 -0.84
N ARG A 33 13.81 5.25 -1.96
CA ARG A 33 14.72 4.12 -1.95
C ARG A 33 16.17 4.56 -2.11
N LEU A 34 16.99 4.38 -1.52
CA LEU A 34 18.44 4.47 -1.36
C LEU A 34 19.02 3.17 -1.85
N ASN A 35 19.65 3.06 -2.94
CA ASN A 35 20.38 1.90 -3.42
C ASN A 35 21.81 1.92 -2.92
N PHE A 36 22.10 1.08 -1.95
CA PHE A 36 23.43 1.04 -1.35
C PHE A 36 24.48 0.25 -2.13
N SER A 37 24.12 -0.15 -3.34
CA SER A 37 25.08 -0.86 -4.17
C SER A 37 26.04 0.19 -4.73
N HIS A 38 25.67 1.46 -4.58
CA HIS A 38 26.49 2.55 -5.07
C HIS A 38 26.42 3.74 -4.11
N GLY A 39 27.51 4.50 -4.05
CA GLY A 39 27.56 5.65 -3.17
C GLY A 39 28.10 5.29 -1.80
N ASP A 40 28.51 6.29 -1.03
CA ASP A 40 29.05 6.07 0.31
C ASP A 40 28.13 6.68 1.35
N HIS A 41 28.28 6.25 2.61
CA HIS A 41 27.49 6.73 3.72
C HIS A 41 27.34 8.22 3.84
N GLU A 42 28.31 9.01 3.48
CA GLU A 42 28.16 10.47 3.43
C GLU A 42 27.14 10.96 2.45
N GLU A 43 27.11 10.38 1.25
CA GLU A 43 26.13 10.71 0.20
C GLU A 43 24.70 10.35 0.65
N HIS A 44 24.49 9.08 1.05
CA HIS A 44 23.17 8.63 1.50
C HIS A 44 22.79 9.48 2.70
N GLY A 45 23.77 9.77 3.55
CA GLY A 45 23.53 10.58 4.73
C GLY A 45 22.93 11.93 4.35
N ARG A 46 23.42 12.50 3.26
CA ARG A 46 22.92 13.79 2.80
C ARG A 46 21.57 13.65 2.12
N ARG A 47 21.31 12.72 1.27
CA ARG A 47 20.05 12.33 0.63
C ARG A 47 19.05 12.09 1.74
N ILE A 48 19.34 11.27 2.67
CA ILE A 48 18.42 11.05 3.78
C ILE A 48 18.07 12.40 4.39
N ALA A 49 19.09 13.18 4.71
CA ALA A 49 18.92 14.50 5.30
C ALA A 49 17.97 15.38 4.49
N ASN A 50 18.15 15.48 3.25
CA ASN A 50 17.27 16.14 2.28
C ASN A 50 15.88 15.53 2.26
N ILE A 51 15.66 14.29 2.23
CA ILE A 51 14.33 13.72 2.23
C ILE A 51 13.57 14.35 3.37
N ARG A 52 14.19 14.31 4.55
CA ARG A 52 13.57 14.85 5.74
C ARG A 52 13.28 16.34 5.69
N GLU A 53 14.12 17.08 4.97
CA GLU A 53 13.91 18.52 4.84
C GLU A 53 12.80 18.79 3.84
N ALA A 54 12.74 17.98 2.79
CA ALA A 54 11.69 18.15 1.78
C ALA A 54 10.40 17.68 2.39
N ALA A 55 10.50 16.65 3.21
CA ALA A 55 9.33 16.09 3.89
C ALA A 55 8.68 17.15 4.75
N LYS A 56 9.48 18.07 5.27
CA LYS A 56 8.99 19.16 6.12
C LYS A 56 8.53 20.35 5.30
N ARG A 57 9.25 20.64 4.22
CA ARG A 57 8.91 21.76 3.34
C ARG A 57 7.45 21.51 2.94
N THR A 58 7.11 20.23 2.75
CA THR A 58 5.75 19.82 2.42
C THR A 58 5.25 19.10 3.65
N GLY A 59 3.95 18.83 3.74
CA GLY A 59 3.47 18.13 4.91
C GLY A 59 3.27 16.67 4.54
N ARG A 60 4.30 16.08 3.94
CA ARG A 60 4.20 14.71 3.48
C ARG A 60 4.95 13.66 4.27
N THR A 61 4.35 12.48 4.37
CA THR A 61 4.95 11.35 5.05
C THR A 61 5.65 10.48 4.00
N VAL A 62 6.99 10.41 4.08
CA VAL A 62 7.76 9.60 3.14
C VAL A 62 8.67 8.67 3.93
N ALA A 63 8.55 7.37 3.69
CA ALA A 63 9.36 6.38 4.38
C ALA A 63 10.71 6.24 3.68
N ILE A 64 11.72 5.76 4.39
CA ILE A 64 13.04 5.58 3.79
C ILE A 64 13.40 4.10 3.69
N LEU A 65 13.61 3.65 2.46
CA LEU A 65 13.93 2.26 2.22
C LEU A 65 15.39 2.12 1.82
N LEU A 66 16.09 1.22 2.49
CA LEU A 66 17.49 0.99 2.21
C LEU A 66 17.62 -0.32 1.46
N ASP A 67 17.97 -0.23 0.18
CA ASP A 67 18.14 -1.41 -0.62
C ASP A 67 19.61 -1.78 -0.45
N THR A 68 19.87 -2.93 0.15
CA THR A 68 21.23 -3.37 0.39
C THR A 68 21.88 -3.90 -0.89
N LYS A 69 23.18 -4.16 -0.83
CA LYS A 69 23.89 -4.68 -1.99
C LYS A 69 23.74 -6.18 -2.04
N GLY A 70 23.87 -6.82 -0.88
CA GLY A 70 23.71 -8.26 -0.79
C GLY A 70 24.82 -9.15 -1.34
N PRO A 71 24.69 -10.48 -1.15
CA PRO A 71 25.69 -11.43 -1.69
C PRO A 71 25.54 -11.54 -3.22
N GLU A 72 26.57 -11.96 -3.83
CA GLU A 72 26.64 -12.37 -5.23
C GLU A 72 28.07 -12.75 -5.61
N ILE A 73 28.03 -13.77 -6.37
CA ILE A 73 29.13 -14.45 -7.07
C ILE A 73 29.53 -13.61 -8.27
N ARG A 74 30.76 -13.15 -8.33
CA ARG A 74 31.20 -12.34 -9.45
C ARG A 74 32.44 -12.97 -10.09
N THR A 75 32.90 -12.35 -11.17
CA THR A 75 34.09 -12.83 -11.87
C THR A 75 35.19 -11.82 -11.62
N HIS A 76 36.44 -12.25 -11.78
CA HIS A 76 37.58 -11.38 -11.59
C HIS A 76 37.93 -10.63 -12.87
N ASN A 77 39.17 -10.14 -12.96
CA ASN A 77 39.61 -9.39 -14.14
C ASN A 77 39.90 -10.25 -15.36
N MET A 78 39.56 -9.72 -16.53
CA MET A 78 39.79 -10.40 -17.81
C MET A 78 41.02 -9.83 -18.48
N GLU A 79 42.19 -10.28 -18.02
CA GLU A 79 43.46 -9.84 -18.60
C GLU A 79 43.43 -8.47 -19.20
N ASN A 80 43.74 -7.42 -18.43
CA ASN A 80 43.81 -6.08 -18.99
C ASN A 80 42.52 -5.50 -19.48
N GLY A 81 41.68 -6.20 -20.18
CA GLY A 81 40.51 -5.57 -20.81
C GLY A 81 39.34 -6.51 -20.79
N ALA A 82 39.20 -7.31 -21.84
CA ALA A 82 38.08 -8.25 -21.91
C ALA A 82 38.40 -9.47 -22.76
N ILE A 83 37.66 -10.55 -22.54
CA ILE A 83 37.85 -11.80 -23.26
C ILE A 83 36.79 -11.93 -24.37
N GLU A 84 36.88 -12.98 -25.18
CA GLU A 84 35.91 -13.17 -26.26
C GLU A 84 34.94 -14.32 -26.04
N LEU A 85 35.38 -15.54 -26.32
CA LEU A 85 34.54 -16.72 -26.16
C LEU A 85 33.47 -16.74 -27.26
N LYS A 86 33.50 -17.77 -28.10
CA LYS A 86 32.54 -17.90 -29.20
C LYS A 86 31.52 -18.99 -28.86
N GLU A 87 30.80 -19.49 -29.86
CA GLU A 87 29.79 -20.53 -29.64
C GLU A 87 30.36 -21.84 -29.08
N GLY A 88 31.67 -21.87 -28.90
CA GLY A 88 32.31 -23.06 -28.37
C GLY A 88 33.29 -22.69 -27.27
N SER A 89 34.56 -22.55 -27.65
CA SER A 89 35.61 -22.20 -26.70
C SER A 89 35.71 -23.17 -25.53
N LYS A 90 36.91 -23.28 -24.98
CA LYS A 90 37.15 -24.15 -23.85
C LYS A 90 37.29 -23.26 -22.63
N LEU A 91 36.16 -22.80 -22.10
CA LEU A 91 36.18 -21.93 -20.93
C LEU A 91 36.10 -22.73 -19.64
N VAL A 92 37.21 -22.70 -18.89
CA VAL A 92 37.29 -23.40 -17.62
C VAL A 92 37.29 -22.34 -16.53
N ILE A 93 36.45 -22.53 -15.51
CA ILE A 93 36.37 -21.60 -14.40
C ILE A 93 37.19 -22.14 -13.24
N SER A 94 38.04 -21.30 -12.68
CA SER A 94 38.88 -21.72 -11.56
C SER A 94 38.30 -21.20 -10.25
N MET A 95 38.32 -22.07 -9.25
CA MET A 95 37.82 -21.72 -7.92
C MET A 95 38.89 -20.93 -7.18
N SER A 96 39.78 -20.30 -7.96
CA SER A 96 40.87 -19.49 -7.42
C SER A 96 41.17 -18.32 -8.35
N GLU A 97 41.49 -17.17 -7.77
CA GLU A 97 41.79 -15.97 -8.55
C GLU A 97 42.86 -16.25 -9.60
N VAL A 98 42.49 -16.10 -10.86
CA VAL A 98 43.41 -16.31 -11.97
C VAL A 98 43.13 -15.23 -13.00
N LEU A 99 44.12 -14.90 -13.80
CA LEU A 99 43.92 -13.88 -14.82
C LEU A 99 42.99 -14.47 -15.88
N GLY A 100 41.79 -13.93 -15.97
CA GLY A 100 40.82 -14.42 -16.93
C GLY A 100 41.31 -14.35 -18.37
N THR A 101 41.20 -15.47 -19.06
CA THR A 101 41.61 -15.56 -20.46
C THR A 101 40.56 -16.40 -21.19
N PRO A 102 40.55 -16.35 -22.54
CA PRO A 102 39.58 -17.14 -23.32
C PRO A 102 39.47 -18.61 -22.91
N GLU A 103 40.41 -19.07 -22.07
CA GLU A 103 40.43 -20.46 -21.64
C GLU A 103 40.14 -20.68 -20.15
N LYS A 104 40.57 -19.73 -19.23
CA LYS A 104 40.37 -20.04 -17.83
C LYS A 104 39.96 -18.84 -16.97
N ILE A 105 39.00 -18.51 -16.53
CA ILE A 105 38.65 -17.34 -15.73
C ILE A 105 38.45 -17.83 -14.31
N SER A 106 37.99 -16.94 -13.43
CA SER A 106 37.78 -17.32 -12.05
C SER A 106 36.58 -16.59 -11.45
N VAL A 107 36.01 -17.17 -10.40
CA VAL A 107 34.86 -16.59 -9.72
C VAL A 107 35.24 -16.20 -8.29
N THR A 108 34.24 -15.82 -7.49
CA THR A 108 34.48 -15.44 -6.11
C THR A 108 33.64 -16.29 -5.15
N TYR A 109 33.38 -17.53 -5.55
CA TYR A 109 32.59 -18.47 -4.74
C TYR A 109 33.16 -19.86 -4.95
N PRO A 110 34.38 -20.11 -4.43
CA PRO A 110 35.06 -21.40 -4.54
C PRO A 110 34.20 -22.59 -4.15
N SER A 111 33.01 -22.30 -3.64
CA SER A 111 32.08 -23.34 -3.23
C SER A 111 31.20 -23.71 -4.44
N LEU A 112 31.42 -23.01 -5.55
CA LEU A 112 30.65 -23.26 -6.76
C LEU A 112 30.78 -24.70 -7.24
N ILE A 113 32.01 -25.12 -7.54
CA ILE A 113 32.25 -26.47 -8.01
C ILE A 113 31.62 -27.50 -7.08
N ASP A 114 31.40 -27.10 -5.83
CA ASP A 114 30.78 -27.97 -4.83
C ASP A 114 29.30 -27.63 -4.70
N ASP A 115 28.63 -27.52 -5.85
CA ASP A 115 27.21 -27.20 -5.89
C ASP A 115 26.67 -27.39 -7.30
N VAL A 116 27.46 -26.98 -8.29
CA VAL A 116 27.08 -27.10 -9.70
C VAL A 116 27.21 -28.56 -10.16
N SER A 117 26.26 -29.00 -10.98
CA SER A 117 26.27 -30.37 -11.51
C SER A 117 26.62 -30.36 -13.00
N VAL A 118 26.90 -31.54 -13.54
CA VAL A 118 27.24 -31.67 -14.95
C VAL A 118 26.11 -31.17 -15.85
N GLY A 119 26.48 -30.67 -17.02
CA GLY A 119 25.49 -30.17 -17.97
C GLY A 119 24.75 -28.94 -17.48
N ALA A 120 25.11 -28.47 -16.28
CA ALA A 120 24.47 -27.29 -15.70
C ALA A 120 24.75 -26.05 -16.56
N LYS A 121 24.12 -24.94 -16.20
CA LYS A 121 24.28 -23.71 -16.94
C LYS A 121 24.73 -22.54 -16.06
N ILE A 122 25.82 -21.91 -16.49
CA ILE A 122 26.38 -20.76 -15.78
C ILE A 122 26.29 -19.54 -16.69
N LEU A 123 25.84 -18.42 -16.12
CA LEU A 123 25.70 -17.19 -16.88
C LEU A 123 26.63 -16.11 -16.32
N LEU A 124 27.15 -15.28 -17.20
CA LEU A 124 28.05 -14.20 -16.83
C LEU A 124 27.56 -12.92 -17.47
N ASP A 125 27.99 -11.78 -16.92
CA ASP A 125 27.59 -10.49 -17.46
C ASP A 125 26.07 -10.37 -17.42
N ASP A 126 25.59 -10.28 -16.30
CA ASP A 126 24.15 -10.41 -16.05
C ASP A 126 23.43 -11.36 -17.00
N GLY A 127 23.76 -12.48 -17.32
CA GLY A 127 23.05 -13.39 -18.21
C GLY A 127 23.34 -13.28 -19.69
N LEU A 128 24.16 -12.31 -20.09
CA LEU A 128 24.48 -12.14 -21.51
C LEU A 128 25.07 -13.45 -22.03
N ILE A 129 26.32 -13.71 -21.66
CA ILE A 129 27.02 -14.92 -22.08
C ILE A 129 26.79 -16.07 -21.09
N SER A 130 26.28 -17.20 -21.60
CA SER A 130 26.01 -18.36 -20.78
C SER A 130 26.98 -19.50 -21.08
N LEU A 131 27.03 -20.49 -20.18
CA LEU A 131 27.94 -21.62 -20.34
C LEU A 131 27.25 -22.95 -20.10
N GLU A 132 27.97 -24.03 -20.38
CA GLU A 132 27.47 -25.39 -20.20
C GLU A 132 28.52 -26.18 -19.42
N VAL A 133 28.14 -26.66 -18.23
CA VAL A 133 29.06 -27.42 -17.39
C VAL A 133 29.34 -28.80 -17.98
N ASN A 134 30.39 -28.89 -18.79
CA ASN A 134 30.76 -30.15 -19.40
C ASN A 134 31.30 -31.11 -18.34
N ALA A 135 32.54 -30.92 -17.93
CA ALA A 135 33.15 -31.77 -16.91
C ALA A 135 33.37 -30.96 -15.63
N VAL A 136 33.57 -31.67 -14.52
CA VAL A 136 33.81 -31.02 -13.24
C VAL A 136 35.00 -31.67 -12.55
N ASP A 137 36.19 -31.19 -12.89
CA ASP A 137 37.42 -31.69 -12.31
C ASP A 137 37.46 -31.32 -10.83
N LYS A 138 36.73 -32.09 -10.01
CA LYS A 138 36.66 -31.84 -8.57
C LYS A 138 38.05 -31.85 -7.94
N GLN A 139 38.97 -32.54 -8.58
CA GLN A 139 40.34 -32.64 -8.09
C GLN A 139 41.05 -31.28 -8.14
N ALA A 140 41.42 -30.85 -9.35
CA ALA A 140 42.10 -29.57 -9.52
C ALA A 140 41.18 -28.41 -9.20
N GLY A 141 39.91 -28.72 -8.95
CA GLY A 141 38.95 -27.67 -8.64
C GLY A 141 38.71 -26.74 -9.81
N GLU A 142 38.38 -27.31 -10.97
CA GLU A 142 38.12 -26.52 -12.15
C GLU A 142 36.91 -27.03 -12.92
N ILE A 143 35.82 -26.28 -12.83
CA ILE A 143 34.59 -26.64 -13.53
C ILE A 143 34.77 -26.36 -15.02
N VAL A 144 34.80 -27.42 -15.82
CA VAL A 144 34.96 -27.29 -17.26
C VAL A 144 33.63 -27.03 -17.96
N THR A 145 33.60 -26.03 -18.84
CA THR A 145 32.38 -25.69 -19.55
C THR A 145 32.66 -25.30 -20.99
N THR A 146 31.59 -25.18 -21.77
CA THR A 146 31.67 -24.79 -23.17
C THR A 146 30.79 -23.57 -23.38
N VAL A 147 31.41 -22.47 -23.77
CA VAL A 147 30.72 -21.20 -24.02
C VAL A 147 29.49 -21.38 -24.91
N LEU A 148 28.35 -20.84 -24.48
CA LEU A 148 27.11 -20.91 -25.25
C LEU A 148 26.82 -19.59 -25.95
N ASN A 149 25.90 -18.80 -25.39
CA ASN A 149 25.55 -17.51 -25.97
C ASN A 149 26.69 -16.52 -25.74
N GLY A 150 27.80 -16.78 -26.44
CA GLY A 150 28.99 -15.94 -26.32
C GLY A 150 28.80 -14.44 -26.49
N GLY A 151 29.92 -13.73 -26.37
CA GLY A 151 29.90 -12.28 -26.49
C GLY A 151 31.15 -11.70 -25.86
N VAL A 152 31.15 -10.41 -25.56
CA VAL A 152 32.29 -9.76 -24.94
C VAL A 152 32.15 -9.82 -23.42
N LEU A 153 33.23 -10.19 -22.74
CA LEU A 153 33.19 -10.29 -21.28
C LEU A 153 34.27 -9.43 -20.64
N LYS A 154 33.85 -8.32 -20.04
CA LYS A 154 34.81 -7.43 -19.40
C LYS A 154 35.11 -7.88 -17.97
N ASN A 155 35.69 -6.98 -17.20
CA ASN A 155 36.07 -7.26 -15.82
C ASN A 155 34.88 -7.25 -14.86
N LYS A 156 34.98 -8.08 -13.81
CA LYS A 156 33.97 -8.20 -12.76
C LYS A 156 32.49 -8.14 -13.17
N LYS A 157 32.07 -9.08 -14.02
CA LYS A 157 30.67 -9.13 -14.45
C LYS A 157 29.89 -10.11 -13.57
N GLY A 158 28.57 -10.04 -13.64
CA GLY A 158 27.73 -10.92 -12.82
C GLY A 158 27.78 -12.40 -13.13
N VAL A 159 27.92 -13.21 -12.07
CA VAL A 159 27.97 -14.67 -12.21
C VAL A 159 26.66 -15.23 -11.67
N ASN A 160 25.85 -15.75 -12.58
CA ASN A 160 24.56 -16.31 -12.23
C ASN A 160 24.59 -17.82 -12.50
N VAL A 161 23.96 -18.67 -11.62
CA VAL A 161 24.08 -20.15 -11.71
C VAL A 161 22.85 -20.98 -11.83
N PRO A 162 21.70 -20.39 -12.49
CA PRO A 162 20.49 -21.10 -12.43
C PRO A 162 20.24 -22.50 -12.77
N GLY A 163 19.74 -23.23 -11.86
CA GLY A 163 19.58 -24.49 -11.31
C GLY A 163 19.90 -24.52 -9.81
N VAL A 164 21.21 -24.48 -9.50
CA VAL A 164 21.75 -24.78 -8.16
C VAL A 164 21.45 -23.75 -7.11
N LYS A 165 21.35 -24.20 -5.85
CA LYS A 165 21.10 -23.31 -4.73
C LYS A 165 22.42 -22.92 -4.07
N VAL A 166 22.77 -21.65 -4.18
CA VAL A 166 24.00 -21.12 -3.61
C VAL A 166 23.85 -20.89 -2.12
N ASN A 167 24.79 -21.13 -1.36
CA ASN A 167 24.79 -20.92 0.09
C ASN A 167 25.61 -19.75 0.54
N LEU A 168 25.32 -18.67 0.92
CA LEU A 168 26.16 -17.55 1.43
C LEU A 168 25.57 -17.02 2.76
N PRO A 169 26.02 -17.98 3.72
CA PRO A 169 25.47 -17.64 5.09
C PRO A 169 26.00 -16.32 5.68
N GLY A 170 25.26 -15.70 6.61
CA GLY A 170 25.67 -14.43 7.18
C GLY A 170 25.48 -13.33 6.14
N ILE A 171 25.46 -12.10 6.60
CA ILE A 171 25.31 -10.96 5.72
C ILE A 171 26.69 -10.45 5.35
N THR A 172 26.81 -9.79 4.23
CA THR A 172 28.12 -9.23 3.85
C THR A 172 28.52 -8.29 5.02
N GLU A 173 29.81 -8.12 5.03
CA GLU A 173 30.61 -7.20 5.86
C GLU A 173 30.08 -5.78 5.51
N LYS A 174 29.84 -5.62 4.20
CA LYS A 174 29.34 -4.38 3.63
C LYS A 174 27.89 -4.12 4.03
N ASP A 175 27.03 -5.11 3.81
CA ASP A 175 25.63 -4.96 4.17
C ASP A 175 25.50 -4.66 5.65
N ARG A 176 26.34 -5.30 6.45
CA ARG A 176 26.32 -5.09 7.89
C ARG A 176 26.55 -3.62 8.24
N ALA A 177 27.59 -3.03 7.65
CA ALA A 177 27.92 -1.62 7.89
C ALA A 177 26.80 -0.72 7.43
N ASP A 178 26.22 -1.08 6.28
CA ASP A 178 25.11 -0.33 5.72
C ASP A 178 23.91 -0.38 6.70
N ILE A 179 23.55 -1.57 7.11
CA ILE A 179 22.45 -1.75 8.04
C ILE A 179 22.63 -0.84 9.26
N LEU A 180 23.71 -1.05 10.00
CA LEU A 180 23.99 -0.23 11.19
C LEU A 180 23.89 1.24 10.86
N PHE A 181 24.46 1.63 9.73
CA PHE A 181 24.39 3.01 9.30
C PHE A 181 22.91 3.39 9.15
N GLY A 182 22.12 2.48 8.57
CA GLY A 182 20.71 2.75 8.38
C GLY A 182 20.01 2.90 9.71
N ILE A 183 20.44 2.12 10.69
CA ILE A 183 19.86 2.20 12.00
C ILE A 183 20.20 3.57 12.59
N ARG A 184 21.48 3.96 12.51
CA ARG A 184 21.86 5.26 13.05
C ARG A 184 21.06 6.36 12.38
N GLN A 185 20.91 6.41 11.26
CA GLN A 185 20.15 7.26 10.35
C GLN A 185 18.66 7.21 10.61
N GLY A 186 18.18 6.07 11.16
CA GLY A 186 16.77 5.93 11.48
C GLY A 186 15.92 5.66 10.27
N ILE A 187 16.33 4.72 9.43
CA ILE A 187 15.55 4.38 8.24
C ILE A 187 14.28 3.64 8.66
N ASP A 188 13.37 3.47 7.72
CA ASP A 188 12.11 2.79 8.01
C ASP A 188 12.07 1.37 7.44
N PHE A 189 12.73 1.18 6.29
CA PHE A 189 12.72 -0.12 5.64
C PHE A 189 14.09 -0.57 5.17
N ILE A 190 14.20 -1.88 4.97
CA ILE A 190 15.42 -2.49 4.47
C ILE A 190 15.05 -3.57 3.47
N ALA A 191 15.38 -3.33 2.21
CA ALA A 191 15.11 -4.30 1.17
C ALA A 191 16.36 -5.16 1.05
N ALA A 192 16.25 -6.41 1.47
CA ALA A 192 17.36 -7.33 1.42
C ALA A 192 17.46 -7.95 0.05
N SER A 193 18.56 -7.69 -0.65
CA SER A 193 18.79 -8.23 -1.99
C SER A 193 19.14 -9.72 -1.98
N PHE A 194 18.70 -10.41 -3.00
CA PHE A 194 18.94 -11.84 -3.23
C PHE A 194 18.61 -12.72 -2.06
N VAL A 195 17.33 -12.62 -1.62
CA VAL A 195 16.88 -13.50 -0.52
C VAL A 195 16.56 -14.90 -1.10
N ARG A 196 17.25 -15.90 -0.61
CA ARG A 196 16.91 -17.27 -0.97
C ARG A 196 16.30 -18.06 0.17
N ARG A 197 16.37 -17.83 1.13
CA ARG A 197 15.78 -18.64 2.19
C ARG A 197 15.43 -17.82 3.41
N ALA A 198 14.60 -18.39 4.27
CA ALA A 198 14.17 -17.71 5.49
C ALA A 198 15.34 -17.23 6.34
N SER A 199 16.41 -18.03 6.38
CA SER A 199 17.58 -17.71 7.19
C SER A 199 18.25 -16.39 6.81
N ASP A 200 18.20 -16.00 5.53
CA ASP A 200 18.80 -14.74 5.15
C ASP A 200 18.04 -13.61 5.83
N VAL A 201 16.72 -13.79 5.96
CA VAL A 201 15.89 -12.79 6.60
C VAL A 201 16.15 -12.76 8.10
N LEU A 202 16.29 -13.93 8.71
CA LEU A 202 16.54 -14.01 10.13
C LEU A 202 17.82 -13.29 10.53
N GLU A 203 18.86 -13.44 9.72
CA GLU A 203 20.14 -12.80 9.98
C GLU A 203 20.00 -11.28 10.16
N ILE A 204 19.21 -10.64 9.30
CA ILE A 204 19.01 -9.21 9.40
C ILE A 204 18.17 -8.92 10.64
N ARG A 205 17.21 -9.80 10.92
CA ARG A 205 16.34 -9.61 12.08
C ARG A 205 17.23 -9.68 13.32
N GLU A 206 18.02 -10.74 13.41
CA GLU A 206 18.90 -10.92 14.55
C GLU A 206 19.74 -9.67 14.77
N LEU A 207 20.34 -9.15 13.70
CA LEU A 207 21.16 -7.95 13.79
C LEU A 207 20.34 -6.78 14.32
N LEU A 208 19.14 -6.60 13.79
CA LEU A 208 18.29 -5.48 14.21
C LEU A 208 17.93 -5.63 15.67
N GLU A 209 17.74 -6.87 16.08
CA GLU A 209 17.39 -7.19 17.47
C GLU A 209 18.56 -6.84 18.40
N ALA A 210 19.77 -7.06 17.91
CA ALA A 210 21.00 -6.79 18.67
C ALA A 210 21.35 -5.31 18.79
N HIS A 211 20.72 -4.47 17.98
CA HIS A 211 20.97 -3.03 18.02
C HIS A 211 19.69 -2.30 18.36
N ASP A 212 18.77 -3.04 18.97
CA ASP A 212 17.47 -2.52 19.39
C ASP A 212 16.78 -1.68 18.32
N ALA A 213 16.70 -2.22 17.10
CA ALA A 213 16.07 -1.52 16.00
C ALA A 213 15.04 -2.40 15.29
N LEU A 214 14.39 -3.31 16.10
CA LEU A 214 13.32 -4.19 15.53
C LEU A 214 12.18 -3.44 14.89
N HIS A 215 12.23 -2.13 14.54
CA HIS A 215 10.92 -1.40 14.28
C HIS A 215 10.76 -1.21 12.69
N ILE A 216 12.09 -1.44 12.33
CA ILE A 216 12.58 -1.50 10.95
C ILE A 216 12.01 -2.75 10.26
N GLN A 217 11.25 -2.51 9.21
CA GLN A 217 10.63 -3.60 8.45
C GLN A 217 11.63 -4.22 7.50
N ILE A 218 11.53 -5.53 7.32
CA ILE A 218 12.41 -6.22 6.38
C ILE A 218 11.66 -6.70 5.14
N ILE A 219 12.02 -6.13 3.99
CA ILE A 219 11.40 -6.49 2.72
C ILE A 219 12.31 -7.47 1.97
N ALA A 220 11.88 -8.72 1.83
CA ALA A 220 12.66 -9.74 1.13
C ALA A 220 12.57 -9.58 -0.38
N LYS A 221 13.72 -9.42 -1.03
CA LYS A 221 13.75 -9.27 -2.49
C LYS A 221 13.96 -10.61 -3.17
N ILE A 222 13.01 -11.02 -4.01
CA ILE A 222 13.14 -12.30 -4.71
C ILE A 222 13.82 -11.99 -6.03
N GLU A 223 14.94 -12.66 -6.30
CA GLU A 223 15.69 -12.41 -7.52
C GLU A 223 16.24 -13.66 -8.19
N ASN A 224 15.81 -14.83 -7.74
CA ASN A 224 16.28 -16.09 -8.32
C ASN A 224 15.31 -17.22 -7.97
N GLU A 225 15.52 -18.39 -8.55
CA GLU A 225 14.65 -19.55 -8.35
C GLU A 225 14.52 -20.04 -6.92
N GLU A 226 15.65 -20.10 -6.21
CA GLU A 226 15.64 -20.53 -4.82
C GLU A 226 14.67 -19.64 -4.06
N GLY A 227 14.87 -18.32 -4.17
CA GLY A 227 14.00 -17.37 -3.51
C GLY A 227 12.54 -17.58 -3.90
N VAL A 228 12.32 -18.03 -5.13
CA VAL A 228 10.98 -18.28 -5.62
C VAL A 228 10.46 -19.59 -5.02
N ALA A 229 11.35 -20.56 -4.91
CA ALA A 229 11.00 -21.86 -4.35
C ALA A 229 10.73 -21.76 -2.86
N ASN A 230 11.49 -20.90 -2.18
CA ASN A 230 11.36 -20.73 -0.74
C ASN A 230 10.41 -19.60 -0.33
N ILE A 231 9.68 -19.04 -1.31
CA ILE A 231 8.79 -17.94 -1.02
C ILE A 231 7.92 -18.09 0.23
N ASP A 232 7.38 -19.28 0.47
CA ASP A 232 6.52 -19.46 1.65
C ASP A 232 7.21 -19.18 2.98
N GLU A 233 8.39 -19.78 3.19
CA GLU A 233 9.11 -19.56 4.45
C GLU A 233 9.66 -18.13 4.50
N ILE A 234 10.04 -17.60 3.35
CA ILE A 234 10.56 -16.25 3.25
C ILE A 234 9.52 -15.21 3.69
N LEU A 235 8.32 -15.33 3.15
CA LEU A 235 7.24 -14.40 3.50
C LEU A 235 6.85 -14.56 4.96
N GLU A 236 6.90 -15.78 5.42
CA GLU A 236 6.56 -16.12 6.78
C GLU A 236 7.57 -15.49 7.75
N ALA A 237 8.77 -15.18 7.25
CA ALA A 237 9.83 -14.60 8.07
C ALA A 237 10.05 -13.11 7.91
N ALA A 238 9.86 -12.60 6.69
CA ALA A 238 10.05 -11.18 6.40
C ALA A 238 8.79 -10.37 6.66
N ASP A 239 8.87 -9.06 6.47
CA ASP A 239 7.73 -8.20 6.72
C ASP A 239 7.07 -7.76 5.42
N GLY A 240 7.74 -8.02 4.31
CA GLY A 240 7.22 -7.63 3.02
C GLY A 240 8.04 -8.25 1.92
N LEU A 241 7.70 -7.92 0.68
CA LEU A 241 8.39 -8.55 -0.43
C LEU A 241 8.62 -7.59 -1.57
N MET A 242 9.71 -7.84 -2.31
CA MET A 242 10.01 -7.06 -3.49
C MET A 242 10.22 -8.04 -4.64
N VAL A 243 9.39 -7.89 -5.66
CA VAL A 243 9.45 -8.71 -6.85
C VAL A 243 10.30 -7.95 -7.86
N ALA A 244 11.51 -8.42 -8.11
CA ALA A 244 12.40 -7.77 -9.09
C ALA A 244 12.34 -8.55 -10.40
N ARG A 245 11.49 -8.10 -11.33
CA ARG A 245 11.34 -8.81 -12.59
C ARG A 245 12.60 -8.94 -13.42
N GLY A 246 13.44 -7.92 -13.36
CA GLY A 246 14.68 -7.95 -14.13
C GLY A 246 15.61 -9.05 -13.66
N ASP A 247 15.85 -9.11 -12.36
CA ASP A 247 16.74 -10.11 -11.79
C ASP A 247 16.24 -11.52 -12.06
N LEU A 248 14.94 -11.70 -11.95
CA LEU A 248 14.34 -13.01 -12.19
C LEU A 248 14.66 -13.48 -13.60
N GLY A 249 14.42 -12.61 -14.59
CA GLY A 249 14.68 -12.96 -15.96
C GLY A 249 16.11 -13.39 -16.25
N VAL A 250 16.99 -13.21 -15.27
CA VAL A 250 18.39 -13.58 -15.44
C VAL A 250 18.59 -15.08 -15.20
N GLU A 251 17.93 -15.61 -14.18
CA GLU A 251 18.04 -17.03 -13.85
C GLU A 251 16.86 -17.83 -14.35
N ILE A 252 15.73 -17.16 -14.49
CA ILE A 252 14.52 -17.83 -14.93
C ILE A 252 14.10 -17.42 -16.34
N PRO A 253 13.68 -18.39 -17.16
CA PRO A 253 13.24 -18.13 -18.54
C PRO A 253 12.14 -17.08 -18.56
N ALA A 254 12.21 -16.16 -19.51
CA ALA A 254 11.22 -15.10 -19.63
C ALA A 254 9.78 -15.61 -19.65
N GLU A 255 9.53 -16.65 -20.44
CA GLU A 255 8.16 -17.16 -20.54
C GLU A 255 7.57 -17.68 -19.22
N GLU A 256 8.41 -17.80 -18.19
CA GLU A 256 7.90 -18.29 -16.91
C GLU A 256 7.70 -17.19 -15.86
N VAL A 257 8.42 -16.08 -15.99
CA VAL A 257 8.33 -15.00 -15.03
C VAL A 257 6.95 -14.43 -14.76
N PRO A 258 6.19 -14.10 -15.82
CA PRO A 258 4.85 -13.53 -15.63
C PRO A 258 3.98 -14.22 -14.57
N LEU A 259 3.89 -15.54 -14.61
CA LEU A 259 3.07 -16.24 -13.62
C LEU A 259 3.76 -16.22 -12.25
N ILE A 260 5.08 -16.13 -12.25
CA ILE A 260 5.85 -16.06 -11.02
C ILE A 260 5.53 -14.75 -10.30
N GLN A 261 5.53 -13.65 -11.06
CA GLN A 261 5.22 -12.35 -10.49
C GLN A 261 3.83 -12.39 -9.87
N LYS A 262 2.86 -12.89 -10.64
CA LYS A 262 1.50 -12.99 -10.18
C LYS A 262 1.40 -13.89 -8.95
N LEU A 263 2.17 -14.97 -8.93
CA LEU A 263 2.15 -15.88 -7.79
C LEU A 263 2.79 -15.25 -6.54
N LEU A 264 3.89 -14.52 -6.74
CA LEU A 264 4.56 -13.90 -5.61
C LEU A 264 3.68 -12.82 -5.00
N ILE A 265 2.95 -12.09 -5.85
CA ILE A 265 2.09 -11.04 -5.36
C ILE A 265 0.92 -11.61 -4.58
N LYS A 266 0.27 -12.62 -5.14
CA LYS A 266 -0.87 -13.22 -4.47
C LYS A 266 -0.48 -13.74 -3.09
N LYS A 267 0.68 -14.40 -3.01
CA LYS A 267 1.13 -14.94 -1.73
C LYS A 267 1.34 -13.84 -0.69
N SER A 268 1.86 -12.70 -1.13
CA SER A 268 2.07 -11.60 -0.19
C SER A 268 0.69 -11.07 0.16
N ASN A 269 -0.16 -10.95 -0.86
CA ASN A 269 -1.52 -10.45 -0.65
C ASN A 269 -2.23 -11.27 0.42
N MET A 270 -2.12 -12.59 0.30
CA MET A 270 -2.79 -13.47 1.24
C MET A 270 -2.26 -13.36 2.67
N LEU A 271 -0.99 -13.01 2.83
CA LEU A 271 -0.43 -12.85 4.17
C LEU A 271 -0.67 -11.45 4.69
N GLY A 272 -1.16 -10.56 3.82
CA GLY A 272 -1.39 -9.20 4.24
C GLY A 272 -0.10 -8.43 4.43
N LYS A 273 0.95 -8.83 3.72
CA LYS A 273 2.24 -8.15 3.83
C LYS A 273 2.50 -7.41 2.51
N PRO A 274 2.95 -6.15 2.62
CA PRO A 274 3.23 -5.32 1.44
C PRO A 274 4.14 -5.97 0.41
N VAL A 275 3.81 -5.78 -0.87
CA VAL A 275 4.65 -6.33 -1.94
C VAL A 275 4.95 -5.22 -2.96
N ILE A 276 6.21 -5.11 -3.34
CA ILE A 276 6.67 -4.07 -4.28
C ILE A 276 7.03 -4.70 -5.62
N THR A 277 6.49 -4.13 -6.71
CA THR A 277 6.80 -4.62 -8.05
C THR A 277 7.93 -3.71 -8.56
N ALA A 278 9.09 -4.31 -8.86
CA ALA A 278 10.25 -3.52 -9.28
C ALA A 278 10.94 -3.86 -10.60
N THR A 279 11.71 -2.89 -11.07
CA THR A 279 12.48 -2.98 -12.32
C THR A 279 11.63 -3.04 -13.56
N GLN A 280 12.19 -2.54 -14.66
CA GLN A 280 11.50 -2.52 -15.94
C GLN A 280 10.07 -1.99 -15.80
N MET A 281 9.92 -0.83 -15.16
CA MET A 281 8.61 -0.23 -14.99
C MET A 281 8.33 0.82 -16.06
N LEU A 282 9.06 1.93 -16.01
CA LEU A 282 8.91 2.99 -17.00
C LEU A 282 10.30 3.40 -17.49
N ASP A 283 11.16 2.41 -17.69
CA ASP A 283 12.53 2.63 -18.12
C ASP A 283 12.73 3.63 -19.24
N SER A 284 11.86 3.58 -20.24
CA SER A 284 11.99 4.50 -21.36
C SER A 284 11.84 5.95 -20.92
N MET A 285 11.25 6.16 -19.74
CA MET A 285 11.05 7.53 -19.27
C MET A 285 12.30 8.24 -18.78
N GLN A 286 13.44 7.56 -18.84
CA GLN A 286 14.71 8.17 -18.44
C GLN A 286 15.06 9.15 -19.55
N ARG A 287 14.60 8.82 -20.76
CA ARG A 287 14.86 9.64 -21.94
C ARG A 287 13.61 10.36 -22.45
N ASN A 288 12.44 9.84 -22.11
CA ASN A 288 11.20 10.43 -22.59
C ASN A 288 10.20 10.89 -21.52
N PRO A 289 9.43 11.95 -21.83
CA PRO A 289 8.41 12.59 -21.00
C PRO A 289 7.21 11.68 -20.76
N ARG A 290 7.01 10.75 -21.68
CA ARG A 290 5.89 9.82 -21.59
C ARG A 290 6.41 8.40 -21.74
N PRO A 291 5.64 7.42 -21.25
CA PRO A 291 6.03 6.02 -21.33
C PRO A 291 5.51 5.35 -22.61
N THR A 292 5.82 4.07 -22.76
CA THR A 292 5.35 3.28 -23.90
C THR A 292 4.04 2.60 -23.53
N ARG A 293 3.26 2.23 -24.55
CA ARG A 293 1.99 1.52 -24.37
C ARG A 293 2.29 0.28 -23.53
N ALA A 294 3.40 -0.36 -23.85
CA ALA A 294 3.85 -1.56 -23.16
C ALA A 294 4.09 -1.31 -21.67
N GLU A 295 4.88 -0.29 -21.38
CA GLU A 295 5.21 0.05 -20.01
C GLU A 295 3.96 0.40 -19.19
N ALA A 296 3.03 1.13 -19.78
CA ALA A 296 1.80 1.49 -19.10
C ALA A 296 1.01 0.23 -18.83
N SER A 297 1.08 -0.69 -19.79
CA SER A 297 0.38 -1.96 -19.71
C SER A 297 0.96 -2.87 -18.63
N ASP A 298 2.29 -2.90 -18.55
CA ASP A 298 2.96 -3.74 -17.56
C ASP A 298 2.67 -3.23 -16.16
N VAL A 299 2.67 -1.91 -16.00
CA VAL A 299 2.42 -1.32 -14.70
C VAL A 299 0.97 -1.57 -14.29
N ALA A 300 0.06 -1.26 -15.20
CA ALA A 300 -1.36 -1.45 -14.95
C ALA A 300 -1.63 -2.88 -14.47
N ASN A 301 -0.98 -3.82 -15.12
CA ASN A 301 -1.18 -5.22 -14.77
C ASN A 301 -0.60 -5.62 -13.43
N ALA A 302 0.52 -4.99 -13.04
CA ALA A 302 1.11 -5.29 -11.75
C ALA A 302 0.09 -4.86 -10.70
N ILE A 303 -0.65 -3.79 -11.01
CA ILE A 303 -1.68 -3.31 -10.10
C ILE A 303 -2.87 -4.28 -10.06
N PHE A 304 -3.33 -4.75 -11.23
CA PHE A 304 -4.43 -5.71 -11.24
C PHE A 304 -4.00 -6.96 -10.49
N ASP A 305 -2.71 -7.29 -10.54
CA ASP A 305 -2.17 -8.48 -9.84
C ASP A 305 -2.26 -8.36 -8.33
N GLY A 306 -2.31 -7.12 -7.83
CA GLY A 306 -2.41 -6.92 -6.40
C GLY A 306 -1.22 -6.27 -5.70
N THR A 307 -0.25 -5.75 -6.45
CA THR A 307 0.90 -5.14 -5.81
C THR A 307 0.54 -3.92 -4.94
N ASP A 308 1.12 -3.82 -3.74
CA ASP A 308 0.82 -2.67 -2.87
C ASP A 308 1.50 -1.45 -3.42
N ALA A 309 2.67 -1.65 -3.99
CA ALA A 309 3.44 -0.53 -4.50
C ALA A 309 4.22 -0.85 -5.77
N VAL A 310 4.56 0.20 -6.51
CA VAL A 310 5.35 0.09 -7.73
C VAL A 310 6.65 0.86 -7.47
N MET A 311 7.75 0.41 -8.06
CA MET A 311 9.02 1.08 -7.81
C MET A 311 9.71 1.66 -9.05
N LEU A 312 10.26 2.85 -8.88
CA LEU A 312 11.00 3.50 -9.95
C LEU A 312 12.48 3.41 -9.60
N SER A 313 13.31 3.15 -10.60
CA SER A 313 14.74 3.05 -10.39
C SER A 313 15.46 4.20 -11.10
N GLY A 314 16.12 3.90 -12.21
CA GLY A 314 16.81 4.92 -12.96
C GLY A 314 15.93 6.07 -13.40
N GLU A 315 14.62 5.84 -13.51
CA GLU A 315 13.69 6.89 -13.96
C GLU A 315 13.69 8.08 -13.02
N THR A 316 14.03 7.84 -11.75
CA THR A 316 14.06 8.90 -10.77
C THR A 316 15.45 9.09 -10.21
N ALA A 317 16.29 8.09 -10.40
CA ALA A 317 17.66 8.13 -9.90
C ALA A 317 18.57 8.99 -10.79
N ALA A 318 18.54 8.74 -12.10
CA ALA A 318 19.39 9.47 -13.03
C ALA A 318 18.70 9.99 -14.29
N GLY A 319 17.52 9.46 -14.59
CA GLY A 319 16.79 9.88 -15.78
C GLY A 319 16.60 11.37 -15.98
N GLN A 320 15.99 11.74 -17.10
CA GLN A 320 15.73 13.14 -17.44
C GLN A 320 14.36 13.67 -17.02
N TYR A 321 13.46 12.79 -16.61
CA TYR A 321 12.11 13.22 -16.22
C TYR A 321 11.61 12.58 -14.92
N PRO A 322 12.40 12.68 -13.83
CA PRO A 322 12.05 12.12 -12.52
C PRO A 322 10.62 12.42 -12.08
N VAL A 323 10.33 13.70 -11.91
CA VAL A 323 9.02 14.14 -11.47
C VAL A 323 7.91 13.69 -12.42
N GLU A 324 8.26 13.48 -13.68
CA GLU A 324 7.26 13.03 -14.64
C GLU A 324 7.00 11.55 -14.45
N ALA A 325 8.05 10.77 -14.24
CA ALA A 325 7.89 9.34 -14.02
C ALA A 325 6.93 9.11 -12.86
N VAL A 326 7.14 9.83 -11.75
CA VAL A 326 6.28 9.69 -10.58
C VAL A 326 4.85 10.08 -10.94
N LYS A 327 4.72 11.16 -11.69
CA LYS A 327 3.41 11.66 -12.12
C LYS A 327 2.64 10.68 -12.99
N THR A 328 3.30 10.06 -13.96
CA THR A 328 2.60 9.12 -14.82
C THR A 328 2.32 7.87 -14.00
N MET A 329 3.26 7.52 -13.13
CA MET A 329 3.09 6.36 -12.28
C MET A 329 1.83 6.60 -11.45
N HIS A 330 1.66 7.84 -11.00
CA HIS A 330 0.49 8.22 -10.23
C HIS A 330 -0.78 8.11 -11.08
N GLN A 331 -0.74 8.70 -12.27
CA GLN A 331 -1.90 8.68 -13.15
C GLN A 331 -2.26 7.28 -13.60
N ILE A 332 -1.26 6.45 -13.81
CA ILE A 332 -1.52 5.09 -14.23
C ILE A 332 -2.25 4.32 -13.13
N ALA A 333 -1.91 4.61 -11.88
CA ALA A 333 -2.54 3.94 -10.74
C ALA A 333 -4.00 4.33 -10.61
N LEU A 334 -4.27 5.64 -10.59
CA LEU A 334 -5.64 6.13 -10.48
C LEU A 334 -6.56 5.53 -11.55
N ARG A 335 -6.08 5.50 -12.79
CA ARG A 335 -6.86 4.99 -13.90
C ARG A 335 -7.17 3.49 -13.78
N THR A 336 -6.15 2.69 -13.48
CA THR A 336 -6.31 1.23 -13.35
C THR A 336 -7.19 0.89 -12.15
N GLU A 337 -7.01 1.61 -11.06
CA GLU A 337 -7.78 1.37 -9.86
C GLU A 337 -9.29 1.47 -10.03
N GLN A 338 -9.75 2.35 -10.90
CA GLN A 338 -11.18 2.49 -11.14
C GLN A 338 -11.76 1.16 -11.65
N ALA A 339 -10.91 0.36 -12.28
CA ALA A 339 -11.31 -0.93 -12.84
C ALA A 339 -11.27 -2.09 -11.84
N LEU A 340 -10.89 -1.82 -10.60
CA LEU A 340 -10.81 -2.87 -9.60
C LEU A 340 -12.17 -3.42 -9.18
N GLU A 341 -12.25 -4.74 -9.13
CA GLU A 341 -13.48 -5.44 -8.75
C GLU A 341 -13.42 -5.72 -7.25
N HIS A 342 -13.73 -4.70 -6.47
CA HIS A 342 -13.68 -4.76 -5.02
C HIS A 342 -14.47 -5.85 -4.34
N ARG A 343 -15.69 -6.09 -4.77
CA ARG A 343 -16.51 -7.13 -4.16
C ARG A 343 -15.81 -8.47 -4.36
N ASP A 344 -15.37 -8.71 -5.58
CA ASP A 344 -14.69 -9.95 -5.92
C ASP A 344 -13.46 -10.20 -5.07
N ILE A 345 -12.57 -9.21 -5.01
CA ILE A 345 -11.35 -9.35 -4.25
C ILE A 345 -11.67 -9.73 -2.82
N LEU A 346 -12.62 -9.01 -2.23
CA LEU A 346 -13.03 -9.26 -0.85
C LEU A 346 -13.45 -10.73 -0.72
N SER A 347 -14.28 -11.16 -1.65
CA SER A 347 -14.77 -12.54 -1.65
C SER A 347 -13.61 -13.55 -1.71
N GLN A 348 -12.62 -13.26 -2.55
CA GLN A 348 -11.46 -14.13 -2.71
C GLN A 348 -10.60 -14.16 -1.45
N ARG A 349 -10.36 -13.00 -0.87
CA ARG A 349 -9.56 -12.90 0.35
C ARG A 349 -10.27 -13.52 1.53
N THR A 350 -11.60 -13.47 1.57
CA THR A 350 -12.34 -14.05 2.67
C THR A 350 -12.08 -15.55 2.63
N LYS A 351 -12.18 -16.10 1.43
CA LYS A 351 -11.90 -17.50 1.20
C LYS A 351 -10.38 -17.43 1.34
N GLU A 352 -9.70 -18.57 1.35
CA GLU A 352 -8.24 -18.55 1.47
C GLU A 352 -7.71 -17.74 2.67
N SER A 353 -8.62 -17.29 3.53
CA SER A 353 -8.23 -16.55 4.71
C SER A 353 -8.34 -17.44 5.93
N GLN A 354 -7.41 -17.28 6.87
CA GLN A 354 -7.45 -18.09 8.08
C GLN A 354 -8.54 -17.62 9.03
N THR A 355 -9.21 -18.57 9.67
CA THR A 355 -10.28 -18.26 10.60
C THR A 355 -9.73 -17.62 11.87
N THR A 356 -9.74 -16.30 11.92
CA THR A 356 -9.26 -15.55 13.08
C THR A 356 -10.24 -14.45 13.46
N ILE A 357 -10.05 -13.89 14.65
CA ILE A 357 -10.92 -12.83 15.11
C ILE A 357 -10.63 -11.58 14.29
N THR A 358 -9.35 -11.31 14.07
CA THR A 358 -8.95 -10.15 13.29
C THR A 358 -9.54 -10.24 11.89
N ASP A 359 -9.44 -11.41 11.27
CA ASP A 359 -9.97 -11.57 9.93
C ASP A 359 -11.49 -11.53 9.88
N ALA A 360 -12.14 -11.91 10.97
CA ALA A 360 -13.59 -11.89 10.98
C ALA A 360 -14.07 -10.43 11.06
N ILE A 361 -13.33 -9.61 11.78
CA ILE A 361 -13.68 -8.21 11.93
C ILE A 361 -13.35 -7.49 10.63
N GLY A 362 -12.19 -7.83 10.05
CA GLY A 362 -11.79 -7.23 8.80
C GLY A 362 -12.80 -7.49 7.70
N GLN A 363 -13.24 -8.74 7.57
CA GLN A 363 -14.22 -9.08 6.55
C GLN A 363 -15.53 -8.35 6.80
N SER A 364 -15.92 -8.26 8.07
CA SER A 364 -17.15 -7.59 8.45
C SER A 364 -17.05 -6.11 8.08
N VAL A 365 -15.88 -5.52 8.35
CA VAL A 365 -15.61 -4.13 8.06
C VAL A 365 -15.67 -3.90 6.56
N ALA A 366 -14.99 -4.78 5.83
CA ALA A 366 -14.92 -4.69 4.38
C ALA A 366 -16.28 -4.86 3.72
N HIS A 367 -17.09 -5.78 4.23
CA HIS A 367 -18.40 -6.04 3.64
C HIS A 367 -19.33 -4.86 3.91
N THR A 368 -19.30 -4.39 5.15
CA THR A 368 -20.14 -3.27 5.56
C THR A 368 -19.75 -2.02 4.80
N ALA A 369 -18.46 -1.78 4.66
CA ALA A 369 -17.98 -0.60 3.93
C ALA A 369 -18.51 -0.60 2.50
N LEU A 370 -18.61 -1.79 1.92
CA LEU A 370 -19.11 -1.96 0.55
C LEU A 370 -20.64 -1.82 0.45
N ASN A 371 -21.37 -2.51 1.30
CA ASN A 371 -22.83 -2.46 1.28
C ASN A 371 -23.39 -1.08 1.59
N LEU A 372 -22.73 -0.38 2.50
CA LEU A 372 -23.18 0.96 2.89
C LEU A 372 -22.46 2.03 2.08
N ASP A 373 -21.52 1.61 1.25
CA ASP A 373 -20.75 2.52 0.43
C ASP A 373 -20.28 3.68 1.31
N VAL A 374 -19.49 3.33 2.33
CA VAL A 374 -18.98 4.33 3.26
C VAL A 374 -17.88 5.22 2.68
N ALA A 375 -17.77 6.42 3.23
CA ALA A 375 -16.79 7.39 2.78
C ALA A 375 -15.40 7.05 3.25
N ALA A 376 -15.29 6.21 4.28
CA ALA A 376 -13.95 5.86 4.74
C ALA A 376 -13.92 4.84 5.86
N ILE A 377 -12.81 4.13 5.93
CA ILE A 377 -12.57 3.14 6.98
C ILE A 377 -11.43 3.77 7.79
N VAL A 378 -11.74 4.17 9.02
CA VAL A 378 -10.74 4.79 9.88
C VAL A 378 -10.18 3.77 10.87
N THR A 379 -8.87 3.78 11.04
CA THR A 379 -8.26 2.83 11.94
C THR A 379 -7.22 3.37 12.92
N PRO A 380 -7.65 3.79 14.12
CA PRO A 380 -6.65 4.29 15.06
C PRO A 380 -5.77 3.05 15.28
N THR A 381 -4.45 3.23 15.25
CA THR A 381 -3.56 2.08 15.37
C THR A 381 -2.29 2.37 16.18
N VAL A 382 -1.83 1.35 16.89
CA VAL A 382 -0.64 1.48 17.70
C VAL A 382 0.63 1.15 16.91
N SER A 383 0.61 0.07 16.16
CA SER A 383 1.78 -0.32 15.38
C SER A 383 1.46 -0.47 13.90
N GLY A 384 0.20 -0.26 13.54
CA GLY A 384 -0.24 -0.37 12.16
C GLY A 384 -0.88 -1.68 11.74
N LYS A 385 -1.05 -2.63 12.67
CA LYS A 385 -1.63 -3.93 12.32
C LYS A 385 -3.00 -3.89 11.68
N THR A 386 -3.93 -3.20 12.33
CA THR A 386 -5.29 -3.09 11.81
C THR A 386 -5.34 -2.49 10.40
N PRO A 387 -4.61 -1.40 10.15
CA PRO A 387 -4.65 -0.82 8.81
C PRO A 387 -4.13 -1.79 7.77
N GLN A 388 -2.99 -2.42 8.04
CA GLN A 388 -2.42 -3.36 7.08
C GLN A 388 -3.41 -4.48 6.79
N MET A 389 -4.04 -4.98 7.85
CA MET A 389 -5.00 -6.07 7.75
C MET A 389 -6.20 -5.67 6.88
N VAL A 390 -6.77 -4.50 7.15
CA VAL A 390 -7.91 -4.03 6.38
C VAL A 390 -7.50 -3.79 4.92
N ALA A 391 -6.27 -3.33 4.70
CA ALA A 391 -5.79 -3.08 3.36
C ALA A 391 -5.79 -4.37 2.56
N LYS A 392 -5.52 -5.48 3.24
CA LYS A 392 -5.48 -6.78 2.58
C LYS A 392 -6.79 -7.08 1.86
N TYR A 393 -7.89 -6.59 2.43
CA TYR A 393 -9.19 -6.82 1.85
C TYR A 393 -9.50 -5.85 0.70
N ARG A 394 -8.49 -5.07 0.33
CA ARG A 394 -8.55 -4.11 -0.78
C ARG A 394 -9.86 -3.35 -0.94
N PRO A 395 -10.25 -2.58 0.08
CA PRO A 395 -11.46 -1.76 0.15
C PRO A 395 -11.51 -0.61 -0.87
N LYS A 396 -12.71 -0.28 -1.31
CA LYS A 396 -12.90 0.83 -2.23
C LYS A 396 -12.72 2.11 -1.39
N ALA A 397 -13.33 2.14 -0.22
CA ALA A 397 -13.21 3.30 0.64
C ALA A 397 -11.78 3.48 1.12
N PRO A 398 -11.33 4.74 1.28
CA PRO A 398 -9.97 5.03 1.75
C PRO A 398 -9.82 4.54 3.19
N ILE A 399 -8.59 4.19 3.55
CA ILE A 399 -8.31 3.74 4.90
C ILE A 399 -7.51 4.86 5.57
N ILE A 400 -8.10 5.47 6.59
CA ILE A 400 -7.44 6.55 7.31
C ILE A 400 -6.87 5.99 8.60
N ALA A 401 -5.56 5.73 8.59
CA ALA A 401 -4.89 5.19 9.77
C ALA A 401 -4.39 6.35 10.62
N VAL A 402 -4.79 6.34 11.89
CA VAL A 402 -4.41 7.40 12.82
C VAL A 402 -3.39 6.85 13.81
N THR A 403 -2.13 7.20 13.62
CA THR A 403 -1.06 6.74 14.50
C THR A 403 -0.70 7.83 15.52
N SER A 404 0.12 7.46 16.50
CA SER A 404 0.56 8.40 17.52
C SER A 404 2.09 8.36 17.52
N ASN A 405 2.63 7.94 16.39
CA ASN A 405 4.07 7.81 16.20
C ASN A 405 4.35 8.03 14.72
N GLU A 406 5.20 9.00 14.39
CA GLU A 406 5.51 9.29 13.01
C GLU A 406 6.17 8.11 12.28
N ALA A 407 6.99 7.35 12.99
CA ALA A 407 7.64 6.19 12.40
C ALA A 407 6.61 5.13 11.96
N VAL A 408 5.52 5.02 12.70
CA VAL A 408 4.47 4.06 12.36
C VAL A 408 3.78 4.52 11.08
N SER A 409 3.63 5.83 10.94
CA SER A 409 3.03 6.41 9.74
C SER A 409 3.84 6.08 8.50
N ARG A 410 5.17 6.14 8.62
CA ARG A 410 6.04 5.84 7.49
C ARG A 410 5.96 4.36 7.15
N ARG A 411 5.78 3.54 8.18
CA ARG A 411 5.67 2.11 7.98
C ARG A 411 4.46 1.84 7.10
N LEU A 412 3.44 2.66 7.24
CA LEU A 412 2.21 2.51 6.47
C LEU A 412 2.26 3.22 5.12
N ALA A 413 3.32 3.99 4.88
CA ALA A 413 3.47 4.74 3.63
C ALA A 413 3.54 3.79 2.45
N LEU A 414 4.00 2.59 2.72
CA LEU A 414 4.15 1.54 1.71
C LEU A 414 2.88 0.72 1.48
N VAL A 415 1.94 0.75 2.42
CA VAL A 415 0.71 -0.03 2.33
C VAL A 415 -0.40 0.51 1.43
N TRP A 416 -0.95 -0.41 0.63
CA TRP A 416 -2.05 -0.12 -0.30
C TRP A 416 -3.24 0.59 0.38
N GLY A 417 -3.71 1.65 -0.26
CA GLY A 417 -4.87 2.39 0.23
C GLY A 417 -4.84 2.96 1.63
N VAL A 418 -3.65 3.13 2.20
CA VAL A 418 -3.56 3.65 3.55
C VAL A 418 -2.92 5.03 3.65
N TYR A 419 -3.71 5.97 4.15
CA TYR A 419 -3.27 7.35 4.32
C TYR A 419 -3.23 7.59 5.82
N THR A 420 -2.04 7.90 6.32
CA THR A 420 -1.85 8.09 7.73
C THR A 420 -2.12 9.49 8.26
N LYS A 421 -2.25 9.58 9.58
CA LYS A 421 -2.48 10.83 10.28
C LYS A 421 -2.07 10.59 11.74
N GLU A 422 -1.51 11.60 12.39
CA GLU A 422 -1.08 11.43 13.78
C GLU A 422 -1.95 12.16 14.79
N ALA A 423 -2.00 11.61 15.99
CA ALA A 423 -2.78 12.18 17.08
C ALA A 423 -2.23 11.63 18.39
N PRO A 424 -2.50 12.32 19.51
CA PRO A 424 -2.01 11.87 20.80
C PRO A 424 -2.44 10.43 21.11
N HIS A 425 -1.52 9.64 21.66
CA HIS A 425 -1.81 8.25 22.01
C HIS A 425 -2.98 8.22 22.98
N VAL A 426 -4.01 7.43 22.65
CA VAL A 426 -5.20 7.30 23.50
C VAL A 426 -5.24 5.94 24.19
N ASN A 427 -5.76 5.79 25.25
CA ASN A 427 -5.98 4.54 25.97
C ASN A 427 -7.42 4.14 26.29
N THR A 428 -8.52 4.71 25.94
CA THR A 428 -9.88 4.24 26.26
C THR A 428 -10.60 4.13 24.92
N THR A 429 -11.54 3.20 24.82
CA THR A 429 -12.27 3.00 23.58
C THR A 429 -12.93 4.29 23.05
N ASP A 430 -13.60 5.03 23.91
CA ASP A 430 -14.27 6.27 23.51
C ASP A 430 -13.31 7.35 23.02
N GLU A 431 -12.06 7.26 23.46
CA GLU A 431 -11.04 8.22 23.03
C GLU A 431 -10.63 7.85 21.61
N MET A 432 -10.36 6.55 21.42
CA MET A 432 -9.96 6.03 20.13
C MET A 432 -11.07 6.32 19.13
N LEU A 433 -12.31 6.14 19.56
CA LEU A 433 -13.45 6.42 18.68
C LEU A 433 -13.49 7.90 18.32
N ASP A 434 -13.37 8.75 19.32
CA ASP A 434 -13.37 10.18 19.08
C ASP A 434 -12.21 10.56 18.15
N VAL A 435 -11.00 10.07 18.46
CA VAL A 435 -9.84 10.35 17.62
C VAL A 435 -10.09 9.93 16.16
N ALA A 436 -10.77 8.79 15.98
CA ALA A 436 -11.06 8.30 14.64
C ALA A 436 -12.02 9.27 13.94
N VAL A 437 -13.09 9.64 14.62
CA VAL A 437 -14.06 10.56 14.05
C VAL A 437 -13.41 11.89 13.68
N ASP A 438 -12.49 12.36 14.52
CA ASP A 438 -11.80 13.62 14.28
C ASP A 438 -10.96 13.54 13.01
N ALA A 439 -10.18 12.47 12.91
CA ALA A 439 -9.32 12.26 11.76
C ALA A 439 -10.13 12.26 10.47
N ALA A 440 -11.28 11.59 10.51
CA ALA A 440 -12.14 11.50 9.35
C ALA A 440 -12.56 12.88 8.91
N VAL A 441 -12.98 13.70 9.86
CA VAL A 441 -13.41 15.06 9.54
C VAL A 441 -12.29 15.90 8.96
N ARG A 442 -11.11 15.86 9.57
CA ARG A 442 -10.02 16.64 9.05
C ARG A 442 -9.57 16.15 7.68
N SER A 443 -9.60 14.83 7.49
CA SER A 443 -9.17 14.23 6.23
C SER A 443 -9.72 14.92 5.00
N GLY A 444 -10.89 15.53 5.13
CA GLY A 444 -11.49 16.18 3.99
C GLY A 444 -12.23 15.18 3.12
N LEU A 445 -12.25 13.91 3.54
CA LEU A 445 -12.90 12.86 2.76
C LEU A 445 -14.37 12.61 3.07
N VAL A 446 -14.90 13.26 4.11
CA VAL A 446 -16.30 13.08 4.47
C VAL A 446 -17.09 14.39 4.60
N LYS A 447 -18.35 14.35 4.18
CA LYS A 447 -19.25 15.50 4.28
C LYS A 447 -20.34 15.05 5.24
N HIS A 448 -21.06 15.99 5.84
CA HIS A 448 -22.14 15.62 6.75
C HIS A 448 -23.06 14.64 6.07
N GLY A 449 -23.48 13.61 6.82
CA GLY A 449 -24.36 12.61 6.25
C GLY A 449 -23.65 11.35 5.79
N ASP A 450 -22.33 11.44 5.61
CA ASP A 450 -21.53 10.29 5.18
C ASP A 450 -21.29 9.35 6.35
N LEU A 451 -20.91 8.12 6.03
CA LEU A 451 -20.63 7.12 7.05
C LEU A 451 -19.15 6.73 7.03
N VAL A 452 -18.62 6.27 8.16
CA VAL A 452 -17.26 5.80 8.23
C VAL A 452 -17.34 4.57 9.09
N VAL A 453 -16.45 3.61 8.83
CA VAL A 453 -16.42 2.40 9.61
C VAL A 453 -15.15 2.53 10.42
N ILE A 454 -15.27 2.57 11.74
CA ILE A 454 -14.09 2.68 12.57
C ILE A 454 -13.81 1.28 13.10
N THR A 455 -12.57 0.85 13.01
CA THR A 455 -12.21 -0.48 13.46
C THR A 455 -10.85 -0.41 14.14
N ALA A 456 -10.68 -1.22 15.16
CA ALA A 456 -9.45 -1.24 15.90
C ALA A 456 -9.52 -2.36 16.93
N GLY A 457 -8.42 -2.58 17.64
CA GLY A 457 -8.42 -3.63 18.64
C GLY A 457 -8.36 -3.00 20.01
N VAL A 458 -9.17 -3.49 20.93
CA VAL A 458 -9.16 -2.97 22.29
C VAL A 458 -8.59 -4.12 23.12
N PRO A 459 -7.83 -3.81 24.18
CA PRO A 459 -7.38 -2.56 24.79
C PRO A 459 -7.53 -1.26 24.01
N VAL A 460 -6.67 -1.09 23.00
CA VAL A 460 -6.57 0.05 22.08
C VAL A 460 -5.26 0.78 22.29
N GLY A 461 -4.81 0.85 23.53
CA GLY A 461 -3.55 1.54 23.81
C GLY A 461 -2.38 0.65 23.49
N GLU A 462 -2.66 -0.62 23.27
CA GLU A 462 -1.64 -1.62 22.97
C GLU A 462 -1.87 -2.12 21.55
N THR A 463 -0.88 -2.73 20.93
CA THR A 463 -1.08 -3.24 19.60
C THR A 463 -1.58 -4.66 19.78
N GLY A 464 -2.20 -5.23 18.76
CA GLY A 464 -2.72 -6.58 18.87
C GLY A 464 -3.76 -6.94 17.82
N SER A 465 -4.67 -7.84 18.16
CA SER A 465 -5.70 -8.27 17.23
C SER A 465 -6.73 -7.16 16.98
N THR A 466 -7.44 -7.28 15.87
CA THR A 466 -8.49 -6.30 15.54
C THR A 466 -9.77 -7.01 15.95
N ASN A 467 -10.53 -6.40 16.87
CA ASN A 467 -11.73 -7.05 17.38
C ASN A 467 -12.93 -6.18 17.60
N LEU A 468 -12.85 -4.93 17.16
CA LEU A 468 -13.97 -4.03 17.35
C LEU A 468 -14.26 -3.24 16.09
N MET A 469 -15.54 -3.05 15.83
CA MET A 469 -15.99 -2.30 14.67
C MET A 469 -17.19 -1.42 15.03
N LYS A 470 -17.25 -0.24 14.43
CA LYS A 470 -18.34 0.69 14.64
C LYS A 470 -18.63 1.47 13.38
N VAL A 471 -19.92 1.60 13.06
CA VAL A 471 -20.35 2.36 11.91
C VAL A 471 -20.78 3.68 12.53
N HIS A 472 -20.27 4.78 11.99
CA HIS A 472 -20.54 6.10 12.54
C HIS A 472 -20.94 7.12 11.50
N VAL A 473 -22.05 7.81 11.79
CA VAL A 473 -22.57 8.84 10.91
C VAL A 473 -21.78 10.10 11.23
N ILE A 474 -21.35 10.82 10.21
CA ILE A 474 -20.58 12.03 10.47
C ILE A 474 -21.42 13.22 10.96
N SER A 475 -22.55 13.49 10.30
CA SER A 475 -23.42 14.62 10.66
C SER A 475 -23.69 14.94 12.14
N ASP A 476 -24.00 16.22 12.41
CA ASP A 476 -24.29 16.70 13.75
C ASP A 476 -25.77 16.53 14.08
N LEU A 477 -26.05 16.30 15.36
CA LEU A 477 -27.42 16.13 15.82
C LEU A 477 -27.99 17.53 16.04
N LEU A 478 -28.95 17.92 15.22
CA LEU A 478 -29.54 19.25 15.35
C LEU A 478 -30.62 19.29 16.43
N ALA A 479 -31.38 18.22 16.55
CA ALA A 479 -32.43 18.17 17.55
C ALA A 479 -33.01 16.78 17.61
N LYS A 480 -33.83 16.46 18.64
CA LYS A 480 -34.48 15.18 18.88
C LYS A 480 -35.86 15.31 19.52
N GLY A 481 -36.52 14.15 19.35
CA GLY A 481 -37.87 14.09 19.85
C GLY A 481 -38.41 12.68 19.68
N GLN A 482 -39.72 12.53 19.74
CA GLN A 482 -40.35 11.23 19.58
C GLN A 482 -40.49 10.94 18.10
N GLY A 483 -39.69 10.00 17.62
CA GLY A 483 -39.74 9.66 16.21
C GLY A 483 -40.87 8.69 15.97
N ILE A 484 -41.57 8.88 14.87
CA ILE A 484 -42.69 8.03 14.52
C ILE A 484 -42.36 7.20 13.28
N GLY A 485 -42.64 5.91 13.37
CA GLY A 485 -42.36 5.06 12.24
C GLY A 485 -40.98 4.48 12.37
N ARG A 486 -40.53 3.91 11.31
CA ARG A 486 -39.18 3.39 11.20
C ARG A 486 -38.37 3.95 10.04
N LYS A 487 -38.69 4.69 9.26
CA LYS A 487 -37.89 5.18 8.15
C LYS A 487 -37.17 6.50 8.40
N SER A 488 -36.47 6.99 7.38
CA SER A 488 -35.75 8.26 7.44
C SER A 488 -35.76 8.90 6.04
N ALA A 489 -35.61 10.22 5.97
CA ALA A 489 -35.61 10.94 4.69
C ALA A 489 -34.88 12.26 4.93
N PHE A 490 -34.45 12.81 3.75
CA PHE A 490 -33.87 14.12 3.96
C PHE A 490 -34.52 15.36 3.33
N GLY A 491 -34.13 15.71 2.24
CA GLY A 491 -34.65 16.95 1.68
C GLY A 491 -34.37 18.30 2.35
N LYS A 492 -34.96 19.35 1.77
CA LYS A 492 -34.81 20.72 2.24
C LYS A 492 -35.94 21.13 3.19
N ALA A 493 -35.58 21.84 4.26
CA ALA A 493 -36.58 22.29 5.25
C ALA A 493 -37.53 23.36 4.70
N VAL A 494 -38.78 23.27 5.15
CA VAL A 494 -39.83 24.22 4.76
C VAL A 494 -40.62 24.58 6.02
N VAL A 495 -40.24 25.68 6.64
CA VAL A 495 -40.88 26.13 7.86
C VAL A 495 -42.26 26.71 7.56
N ALA A 496 -43.29 26.10 8.13
CA ALA A 496 -44.65 26.56 7.88
C ALA A 496 -45.55 26.38 9.09
N LYS A 497 -45.84 27.47 9.79
CA LYS A 497 -46.71 27.41 10.96
C LYS A 497 -48.21 27.31 10.60
N THR A 498 -48.61 27.96 9.53
CA THR A 498 -50.02 27.94 9.13
C THR A 498 -50.28 27.25 7.80
N ALA A 499 -51.54 26.88 7.58
CA ALA A 499 -51.95 26.19 6.36
C ALA A 499 -51.59 27.02 5.15
N GLU A 500 -51.62 28.19 5.12
CA GLU A 500 -51.40 29.19 4.10
C GLU A 500 -49.91 29.30 3.79
N GLU A 501 -49.18 29.18 4.82
CA GLU A 501 -47.75 29.11 4.56
C GLU A 501 -47.39 27.74 3.98
N ALA A 502 -48.07 26.70 4.49
CA ALA A 502 -47.81 25.34 4.03
C ALA A 502 -48.08 25.21 2.56
N ARG A 503 -49.22 25.73 2.12
CA ARG A 503 -49.59 25.64 0.72
C ARG A 503 -48.83 26.61 -0.22
N GLN A 504 -48.14 27.59 0.34
CA GLN A 504 -47.40 28.51 -0.53
C GLN A 504 -45.90 28.19 -0.59
N LYS A 505 -45.38 27.57 0.46
CA LYS A 505 -43.96 27.28 0.53
C LYS A 505 -43.58 25.82 0.33
N MET A 506 -44.53 24.92 0.54
CA MET A 506 -44.24 23.51 0.41
C MET A 506 -43.98 23.09 -1.03
N VAL A 507 -42.87 22.40 -1.24
CA VAL A 507 -42.53 21.92 -2.56
C VAL A 507 -42.42 20.40 -2.47
N ASP A 508 -42.31 19.75 -3.63
CA ASP A 508 -42.22 18.31 -3.66
C ASP A 508 -40.94 17.80 -3.02
N GLY A 509 -41.09 16.87 -2.08
CA GLY A 509 -39.93 16.30 -1.40
C GLY A 509 -39.40 17.10 -0.22
N GLY A 510 -40.04 18.23 0.09
CA GLY A 510 -39.58 19.05 1.18
C GLY A 510 -39.83 18.46 2.56
N ILE A 511 -39.10 18.97 3.55
CA ILE A 511 -39.27 18.53 4.92
C ILE A 511 -40.04 19.60 5.68
N LEU A 512 -41.32 19.31 5.90
CA LEU A 512 -42.23 20.23 6.58
C LEU A 512 -41.90 20.38 8.06
N VAL A 513 -41.65 21.61 8.48
CA VAL A 513 -41.34 21.91 9.87
C VAL A 513 -42.43 22.83 10.35
N THR A 514 -43.17 22.41 11.36
CA THR A 514 -44.28 23.21 11.87
C THR A 514 -44.54 22.95 13.37
N VAL A 515 -45.55 23.63 13.91
CA VAL A 515 -45.90 23.44 15.31
C VAL A 515 -46.73 22.18 15.36
N SER A 516 -47.68 22.07 14.44
CA SER A 516 -48.52 20.89 14.34
C SER A 516 -49.27 20.94 13.02
N THR A 517 -49.72 19.78 12.55
CA THR A 517 -50.45 19.71 11.30
C THR A 517 -51.90 19.49 11.62
N ASP A 518 -52.75 19.61 10.60
CA ASP A 518 -54.19 19.41 10.73
C ASP A 518 -54.73 19.16 9.33
N ALA A 519 -56.00 18.80 9.23
CA ALA A 519 -56.63 18.49 7.96
C ALA A 519 -56.39 19.51 6.83
N ASP A 520 -56.26 20.78 7.18
CA ASP A 520 -56.03 21.80 6.17
C ASP A 520 -54.64 21.78 5.54
N MET A 521 -53.71 21.04 6.12
CA MET A 521 -52.36 21.00 5.59
C MET A 521 -52.09 19.79 4.67
N MET A 522 -53.06 18.89 4.60
CA MET A 522 -52.94 17.67 3.79
C MET A 522 -52.26 17.79 2.42
N PRO A 523 -52.66 18.77 1.59
CA PRO A 523 -52.04 18.93 0.27
C PRO A 523 -50.52 19.12 0.37
N ALA A 524 -50.08 19.95 1.31
CA ALA A 524 -48.66 20.21 1.51
C ALA A 524 -47.98 18.96 2.06
N ILE A 525 -48.69 18.27 2.94
CA ILE A 525 -48.23 17.04 3.57
C ILE A 525 -47.99 15.95 2.55
N GLU A 526 -48.88 15.85 1.57
CA GLU A 526 -48.76 14.83 0.56
C GLU A 526 -47.64 15.08 -0.42
N LYS A 527 -46.82 16.08 -0.11
CA LYS A 527 -45.69 16.42 -0.96
C LYS A 527 -44.42 16.28 -0.14
N ALA A 528 -44.60 16.18 1.17
CA ALA A 528 -43.49 16.10 2.09
C ALA A 528 -42.75 14.78 2.10
N ALA A 529 -41.45 14.86 2.33
CA ALA A 529 -40.60 13.67 2.40
C ALA A 529 -40.59 13.28 3.88
N ALA A 530 -40.88 14.25 4.73
CA ALA A 530 -40.91 14.04 6.17
C ALA A 530 -41.55 15.23 6.88
N ILE A 531 -41.90 15.05 8.15
CA ILE A 531 -42.51 16.10 8.94
C ILE A 531 -41.90 16.24 10.32
N ILE A 532 -41.66 17.49 10.73
CA ILE A 532 -41.14 17.81 12.04
C ILE A 532 -42.14 18.74 12.73
N THR A 533 -42.55 18.41 13.95
CA THR A 533 -43.50 19.26 14.67
C THR A 533 -43.00 19.54 16.07
N GLU A 534 -43.29 20.74 16.55
CA GLU A 534 -42.88 21.13 17.90
C GLU A 534 -43.83 20.50 18.91
N GLU A 535 -45.10 20.46 18.54
CA GLU A 535 -46.16 19.97 19.39
C GLU A 535 -46.35 18.46 19.40
N GLY A 536 -47.63 18.09 19.42
CA GLY A 536 -48.09 16.73 19.39
C GLY A 536 -47.39 15.67 20.21
N GLY A 537 -48.06 14.52 20.24
CA GLY A 537 -47.60 13.36 20.95
C GLY A 537 -47.64 12.23 19.93
N LEU A 538 -47.48 11.00 20.41
CA LEU A 538 -47.47 9.84 19.53
C LEU A 538 -48.74 9.61 18.70
N THR A 539 -49.85 10.23 19.07
CA THR A 539 -51.08 10.04 18.30
C THR A 539 -51.64 11.33 17.72
N SER A 540 -50.80 12.35 17.61
CA SER A 540 -51.21 13.65 17.07
C SER A 540 -51.45 13.52 15.56
N HIS A 541 -51.96 14.57 14.94
CA HIS A 541 -52.25 14.52 13.52
C HIS A 541 -51.03 14.25 12.64
N ALA A 542 -49.88 14.82 13.00
CA ALA A 542 -48.66 14.62 12.22
C ALA A 542 -48.17 13.17 12.26
N ALA A 543 -48.24 12.55 13.44
CA ALA A 543 -47.79 11.17 13.59
C ALA A 543 -48.69 10.19 12.85
N VAL A 544 -50.00 10.34 13.03
CA VAL A 544 -50.97 9.48 12.38
C VAL A 544 -50.78 9.54 10.87
N VAL A 545 -50.74 10.77 10.35
CA VAL A 545 -50.54 10.98 8.91
C VAL A 545 -49.25 10.37 8.41
N GLY A 546 -48.22 10.45 9.23
CA GLY A 546 -46.94 9.90 8.84
C GLY A 546 -47.01 8.40 8.72
N LEU A 547 -47.74 7.76 9.63
CA LEU A 547 -47.88 6.32 9.60
C LEU A 547 -48.62 5.90 8.35
N SER A 548 -49.74 6.57 8.06
CA SER A 548 -50.56 6.26 6.90
C SER A 548 -49.93 6.58 5.53
N LEU A 549 -49.11 7.62 5.45
CA LEU A 549 -48.47 7.97 4.18
C LEU A 549 -47.12 7.28 4.05
N GLY A 550 -46.66 6.67 5.14
CA GLY A 550 -45.38 6.01 5.13
C GLY A 550 -44.16 6.93 5.05
N ILE A 551 -44.26 8.11 5.64
CA ILE A 551 -43.13 9.04 5.64
C ILE A 551 -42.70 9.29 7.09
N PRO A 552 -41.40 9.49 7.31
CA PRO A 552 -40.89 9.74 8.66
C PRO A 552 -41.50 10.99 9.29
N VAL A 553 -41.65 10.94 10.61
CA VAL A 553 -42.17 12.07 11.36
C VAL A 553 -41.50 12.11 12.74
N ILE A 554 -41.09 13.31 13.13
CA ILE A 554 -40.47 13.48 14.44
C ILE A 554 -41.37 14.52 15.14
N VAL A 555 -41.86 14.12 16.30
CA VAL A 555 -42.75 14.95 17.10
C VAL A 555 -42.06 15.47 18.36
N GLY A 556 -42.55 16.60 18.88
CA GLY A 556 -41.98 17.17 20.10
C GLY A 556 -40.59 17.78 19.99
N VAL A 557 -40.29 18.42 18.85
CA VAL A 557 -38.99 19.06 18.62
C VAL A 557 -39.14 20.52 19.04
N GLU A 558 -38.68 20.82 20.26
CA GLU A 558 -38.78 22.13 20.90
C GLU A 558 -38.95 23.44 20.13
N ASN A 559 -37.91 23.90 19.45
CA ASN A 559 -38.03 25.17 18.73
C ASN A 559 -37.91 24.97 17.25
N ALA A 560 -38.29 23.76 16.84
CA ALA A 560 -38.23 23.33 15.46
C ALA A 560 -38.45 24.43 14.44
N THR A 561 -39.49 25.23 14.64
CA THR A 561 -39.86 26.28 13.70
C THR A 561 -38.97 27.52 13.73
N THR A 562 -38.01 27.53 14.64
CA THR A 562 -37.13 28.66 14.71
C THR A 562 -35.67 28.21 14.54
N LEU A 563 -35.35 26.97 14.94
CA LEU A 563 -33.98 26.51 14.74
C LEU A 563 -33.72 25.96 13.35
N PHE A 564 -34.78 25.59 12.64
CA PHE A 564 -34.63 25.12 11.27
C PHE A 564 -35.13 26.25 10.40
N LYS A 565 -34.45 26.50 9.30
CA LYS A 565 -34.88 27.57 8.41
C LYS A 565 -35.12 27.05 7.00
N ASP A 566 -35.85 27.82 6.21
CA ASP A 566 -36.15 27.41 4.84
C ASP A 566 -34.87 27.09 4.06
N GLY A 567 -34.94 26.01 3.30
CA GLY A 567 -33.82 25.60 2.47
C GLY A 567 -32.71 24.81 3.14
N GLN A 568 -32.82 24.57 4.45
CA GLN A 568 -31.80 23.84 5.18
C GLN A 568 -31.84 22.34 4.89
N GLU A 569 -30.72 21.78 4.47
CA GLU A 569 -30.62 20.35 4.16
C GLU A 569 -30.53 19.59 5.47
N ILE A 570 -31.53 18.77 5.75
CA ILE A 570 -31.55 17.97 6.97
C ILE A 570 -32.04 16.55 6.70
N THR A 571 -31.87 15.70 7.69
CA THR A 571 -32.29 14.31 7.59
C THR A 571 -33.20 14.03 8.78
N VAL A 572 -34.40 13.50 8.51
CA VAL A 572 -35.33 13.19 9.57
C VAL A 572 -35.35 11.70 9.81
N ASP A 573 -34.97 11.32 11.02
CA ASP A 573 -34.92 9.92 11.40
C ASP A 573 -36.14 9.53 12.22
N GLY A 574 -37.11 8.93 11.55
CA GLY A 574 -38.32 8.49 12.22
C GLY A 574 -38.04 7.53 13.36
N GLY A 575 -37.32 6.45 13.09
CA GLY A 575 -36.98 5.53 14.17
C GLY A 575 -35.91 6.24 14.96
N PHE A 576 -35.92 6.13 16.27
CA PHE A 576 -34.91 6.82 17.08
C PHE A 576 -35.28 8.30 17.26
N GLY A 577 -35.92 8.87 16.24
CA GLY A 577 -36.37 10.26 16.33
C GLY A 577 -35.32 11.33 16.53
N ALA A 578 -34.57 11.61 15.47
CA ALA A 578 -33.54 12.62 15.52
C ALA A 578 -33.42 13.34 14.19
N VAL A 579 -32.93 14.58 14.22
CA VAL A 579 -32.73 15.34 12.99
C VAL A 579 -31.22 15.56 12.84
N TYR A 580 -30.70 15.37 11.64
CA TYR A 580 -29.27 15.54 11.41
C TYR A 580 -29.00 16.58 10.35
N ARG A 581 -27.81 17.19 10.41
CA ARG A 581 -27.43 18.19 9.43
C ARG A 581 -27.00 17.48 8.15
N GLY A 582 -27.43 17.99 7.00
CA GLY A 582 -27.05 17.40 5.73
C GLY A 582 -27.91 16.21 5.34
N HIS A 583 -27.58 15.58 4.22
CA HIS A 583 -28.32 14.43 3.73
C HIS A 583 -27.63 13.11 4.07
N ALA A 584 -28.28 12.29 4.89
CA ALA A 584 -27.71 11.00 5.25
C ALA A 584 -28.65 9.93 4.70
N SER A 585 -28.22 9.29 3.62
CA SER A 585 -29.01 8.25 2.95
C SER A 585 -29.13 6.95 3.73
N VAL A 586 -28.21 6.73 4.68
CA VAL A 586 -28.28 5.54 5.49
C VAL A 586 -28.09 5.88 6.96
N LEU A 587 -28.98 5.34 7.79
CA LEU A 587 -28.91 5.56 9.23
C LEU A 587 -29.26 4.26 9.95
#